data_6VOP
#
_entry.id   6VOP
#
_cell.length_a   174.796
_cell.length_b   174.796
_cell.length_c   174.796
_cell.angle_alpha   90.000
_cell.angle_beta   90.000
_cell.angle_gamma   90.000
#
_symmetry.space_group_name_H-M   'F 4 3 2'
#
loop_
_entity.id
_entity.type
_entity.pdbx_description
1 polymer Aldolase
2 water water
#
_entity_poly.entity_id   1
_entity_poly.type   'polypeptide(L)'
_entity_poly.pdbx_seq_one_letter_code
;MSDFAKVEQSLREEMTRIASSFFQRGYATGSAGNLSLLLPDGNLLATPTGSCLGNLDPQRLSKVAADGEWLSGDKPSAAV
LFHLALYRNNPRCKAVVHLHSTWSTALSCLQGLDSSNVIRPFTPYVVMRMGNVPLVPYYRPGDKRIAQDLAELAADNQAF
LLANHGPVVCGESLQEAANNMEELEETAKLIFILGDRPIRYLTAGEIAELRS
;
_entity_poly.pdbx_strand_id   A
#
# COMPACT_ATOMS: atom_id res chain seq x y z
N LYS A 6 -16.84 -21.57 -0.37
CA LYS A 6 -17.16 -20.29 0.25
C LYS A 6 -16.27 -19.17 -0.30
N VAL A 7 -16.87 -18.02 -0.53
CA VAL A 7 -16.14 -16.89 -1.10
C VAL A 7 -15.11 -16.36 -0.11
N GLU A 8 -15.48 -16.29 1.18
CA GLU A 8 -14.54 -15.82 2.19
C GLU A 8 -13.32 -16.72 2.28
N GLN A 9 -13.51 -18.03 2.10
CA GLN A 9 -12.39 -18.96 2.16
C GLN A 9 -11.41 -18.70 1.01
N SER A 10 -11.93 -18.45 -0.20
CA SER A 10 -11.07 -18.15 -1.33
C SER A 10 -10.39 -16.79 -1.19
N LEU A 11 -11.04 -15.85 -0.50
CA LEU A 11 -10.41 -14.57 -0.24
C LEU A 11 -9.29 -14.70 0.79
N ARG A 12 -9.48 -15.54 1.81
CA ARG A 12 -8.42 -15.80 2.78
C ARG A 12 -7.23 -16.47 2.10
N GLU A 13 -7.49 -17.43 1.21
CA GLU A 13 -6.41 -18.10 0.51
C GLU A 13 -5.70 -17.15 -0.45
N GLU A 14 -6.46 -16.26 -1.11
CA GLU A 14 -5.83 -15.30 -2.01
C GLU A 14 -4.91 -14.36 -1.25
N MET A 15 -5.33 -13.93 -0.05
CA MET A 15 -4.47 -13.08 0.78
C MET A 15 -3.23 -13.84 1.22
N THR A 16 -3.40 -15.07 1.70
CA THR A 16 -2.27 -15.91 2.06
C THR A 16 -1.35 -16.10 0.86
N ARG A 17 -1.92 -16.38 -0.32
CA ARG A 17 -1.11 -16.62 -1.50
C ARG A 17 -0.35 -15.36 -1.92
N ILE A 18 -1.04 -14.23 -1.98
CA ILE A 18 -0.39 -12.98 -2.37
C ILE A 18 0.66 -12.57 -1.35
N ALA A 19 0.38 -12.78 -0.06
CA ALA A 19 1.36 -12.45 0.98
C ALA A 19 2.63 -13.26 0.81
N SER A 20 2.49 -14.56 0.56
CA SER A 20 3.67 -15.40 0.37
C SER A 20 4.48 -14.95 -0.83
N SER A 21 3.80 -14.55 -1.90
CA SER A 21 4.50 -14.05 -3.09
C SER A 21 5.36 -12.84 -2.77
N PHE A 22 4.81 -11.88 -2.01
CA PHE A 22 5.58 -10.71 -1.61
C PHE A 22 6.80 -11.12 -0.79
N PHE A 23 6.64 -12.14 0.07
CA PHE A 23 7.72 -12.54 0.96
C PHE A 23 8.84 -13.24 0.20
N GLN A 24 8.49 -14.17 -0.69
CA GLN A 24 9.52 -14.93 -1.40
C GLN A 24 10.27 -14.08 -2.41
N ARG A 25 9.66 -13.00 -2.90
CA ARG A 25 10.28 -12.17 -3.92
C ARG A 25 10.96 -10.94 -3.33
N GLY A 26 11.05 -10.83 -2.01
CA GLY A 26 11.80 -9.78 -1.36
C GLY A 26 11.06 -8.49 -1.10
N TYR A 27 9.75 -8.44 -1.38
CA TYR A 27 9.00 -7.21 -1.11
C TYR A 27 8.75 -7.03 0.38
N ALA A 28 8.52 -8.11 1.11
CA ALA A 28 8.25 -8.08 2.54
C ALA A 28 9.47 -8.55 3.31
N THR A 29 9.80 -7.85 4.39
CA THR A 29 11.01 -8.13 5.17
C THR A 29 10.61 -8.44 6.62
N GLY A 30 10.69 -9.71 6.98
CA GLY A 30 10.33 -10.12 8.34
C GLY A 30 8.84 -9.96 8.59
N SER A 31 8.52 -9.48 9.81
CA SER A 31 7.16 -9.15 10.23
C SER A 31 6.77 -7.71 9.88
N ALA A 32 7.53 -7.06 9.02
CA ALA A 32 7.26 -5.67 8.66
C ALA A 32 6.27 -5.64 7.49
N GLY A 33 5.01 -5.34 7.79
CA GLY A 33 3.99 -5.24 6.77
C GLY A 33 2.68 -5.88 7.13
N ASN A 34 1.63 -5.57 6.36
CA ASN A 34 0.30 -6.10 6.59
C ASN A 34 -0.57 -5.83 5.37
N LEU A 35 -1.49 -6.75 5.10
CA LEU A 35 -2.43 -6.63 3.99
C LEU A 35 -3.85 -6.72 4.52
N SER A 36 -4.78 -6.06 3.80
CA SER A 36 -6.18 -6.13 4.16
C SER A 36 -7.03 -5.96 2.90
N LEU A 37 -8.20 -6.58 2.91
CA LEU A 37 -9.17 -6.46 1.83
C LEU A 37 -10.56 -6.35 2.42
N LEU A 38 -11.51 -5.90 1.58
CA LEU A 38 -12.89 -5.75 1.98
C LEU A 38 -13.68 -6.98 1.53
N LEU A 39 -14.33 -7.63 2.50
CA LEU A 39 -15.22 -8.74 2.19
C LEU A 39 -16.53 -8.23 1.61
N PRO A 40 -17.30 -9.09 0.93
CA PRO A 40 -18.57 -8.64 0.36
C PRO A 40 -19.52 -7.99 1.37
N ASP A 41 -19.56 -8.49 2.60
CA ASP A 41 -20.45 -7.94 3.61
C ASP A 41 -19.99 -6.59 4.14
N GLY A 42 -18.81 -6.12 3.74
CA GLY A 42 -18.26 -4.86 4.20
C GLY A 42 -17.18 -4.99 5.26
N ASN A 43 -17.06 -6.15 5.89
CA ASN A 43 -16.06 -6.35 6.92
C ASN A 43 -14.66 -6.48 6.29
N LEU A 44 -13.65 -6.36 7.15
CA LEU A 44 -12.27 -6.39 6.71
C LEU A 44 -11.64 -7.76 6.96
N LEU A 45 -10.71 -8.12 6.09
CA LEU A 45 -9.89 -9.32 6.25
C LEU A 45 -8.44 -8.88 6.20
N ALA A 46 -7.76 -8.93 7.35
CA ALA A 46 -6.42 -8.37 7.47
C ALA A 46 -5.46 -9.37 8.07
N THR A 47 -4.18 -9.20 7.76
CA THR A 47 -3.15 -10.05 8.33
C THR A 47 -2.92 -9.69 9.78
N PRO A 48 -2.76 -10.68 10.65
CA PRO A 48 -2.66 -10.40 12.09
C PRO A 48 -1.28 -9.86 12.47
N THR A 49 -1.21 -9.35 13.70
CA THR A 49 0.03 -8.79 14.21
C THR A 49 1.02 -9.90 14.56
N GLY A 50 2.31 -9.56 14.47
CA GLY A 50 3.36 -10.52 14.75
C GLY A 50 3.32 -11.74 13.83
N SER A 51 2.95 -11.53 12.57
CA SER A 51 2.77 -12.62 11.63
C SER A 51 3.72 -12.45 10.45
N CYS A 52 4.48 -13.49 10.16
CA CYS A 52 5.36 -13.50 8.99
C CYS A 52 4.53 -13.72 7.75
N LEU A 53 4.62 -12.78 6.79
CA LEU A 53 3.78 -12.84 5.60
C LEU A 53 4.04 -14.07 4.75
N GLY A 54 5.19 -14.73 4.92
CA GLY A 54 5.51 -15.90 4.13
C GLY A 54 4.89 -17.20 4.59
N ASN A 55 4.31 -17.23 5.79
CA ASN A 55 3.71 -18.44 6.35
C ASN A 55 2.45 -18.08 7.13
N LEU A 56 1.48 -17.50 6.43
CA LEU A 56 0.23 -17.10 7.06
C LEU A 56 -0.74 -18.28 7.15
N ASP A 57 -1.49 -18.33 8.24
CA ASP A 57 -2.59 -19.29 8.38
C ASP A 57 -3.87 -18.64 7.90
N PRO A 58 -4.51 -19.15 6.85
CA PRO A 58 -5.70 -18.48 6.31
C PRO A 58 -6.85 -18.38 7.31
N GLN A 59 -7.09 -19.44 8.10
CA GLN A 59 -8.17 -19.48 9.07
C GLN A 59 -7.85 -18.69 10.33
N ARG A 60 -6.68 -18.06 10.42
CA ARG A 60 -6.34 -17.20 11.54
C ARG A 60 -6.22 -15.75 11.13
N LEU A 61 -6.53 -15.42 9.87
CA LEU A 61 -6.55 -14.04 9.42
C LEU A 61 -7.57 -13.23 10.21
N SER A 62 -7.23 -11.98 10.52
CA SER A 62 -8.11 -11.16 11.33
C SER A 62 -9.34 -10.74 10.55
N LYS A 63 -10.42 -10.46 11.28
CA LYS A 63 -11.69 -10.00 10.73
C LYS A 63 -12.14 -8.81 11.55
N VAL A 64 -12.21 -7.63 10.93
CA VAL A 64 -12.51 -6.38 11.61
C VAL A 64 -13.70 -5.73 10.92
N ALA A 65 -14.63 -5.20 11.71
CA ALA A 65 -15.77 -4.48 11.18
C ALA A 65 -15.36 -3.07 10.74
N ALA A 66 -16.28 -2.40 10.04
CA ALA A 66 -15.99 -1.06 9.54
C ALA A 66 -15.71 -0.07 10.66
N ASP A 67 -16.32 -0.27 11.82
CA ASP A 67 -16.11 0.62 12.95
C ASP A 67 -14.84 0.29 13.75
N GLY A 68 -14.10 -0.74 13.35
CA GLY A 68 -12.87 -1.10 14.01
C GLY A 68 -12.98 -2.19 15.05
N GLU A 69 -14.13 -2.84 15.17
CA GLU A 69 -14.31 -3.91 16.16
C GLU A 69 -13.65 -5.18 15.66
N TRP A 70 -12.73 -5.72 16.46
CA TRP A 70 -12.09 -6.99 16.17
C TRP A 70 -13.10 -8.12 16.37
N LEU A 71 -13.44 -8.81 15.30
CA LEU A 71 -14.51 -9.80 15.30
C LEU A 71 -14.01 -11.23 15.50
N SER A 72 -13.05 -11.67 14.70
CA SER A 72 -12.55 -13.04 14.77
C SER A 72 -11.09 -13.06 14.35
N GLY A 73 -10.51 -14.26 14.38
CA GLY A 73 -9.12 -14.43 14.00
C GLY A 73 -8.17 -13.88 15.04
N ASP A 74 -6.88 -13.98 14.73
CA ASP A 74 -5.85 -13.47 15.61
C ASP A 74 -5.93 -11.94 15.70
N LYS A 75 -5.18 -11.39 16.63
CA LYS A 75 -5.16 -9.94 16.84
C LYS A 75 -4.68 -9.24 15.59
N PRO A 76 -5.44 -8.30 15.04
CA PRO A 76 -5.00 -7.61 13.82
C PRO A 76 -3.78 -6.75 14.08
N SER A 77 -3.06 -6.45 13.00
CA SER A 77 -1.89 -5.58 13.10
C SER A 77 -2.31 -4.19 13.55
N ALA A 78 -1.40 -3.51 14.26
CA ALA A 78 -1.68 -2.15 14.70
C ALA A 78 -1.82 -1.19 13.54
N ALA A 79 -1.27 -1.53 12.37
CA ALA A 79 -1.39 -0.70 11.19
C ALA A 79 -2.80 -0.71 10.58
N VAL A 80 -3.65 -1.64 11.02
CA VAL A 80 -5.03 -1.69 10.53
C VAL A 80 -5.77 -0.39 10.84
N LEU A 81 -5.30 0.37 11.83
CA LEU A 81 -5.97 1.61 12.19
C LEU A 81 -6.03 2.59 11.02
N PHE A 82 -4.96 2.70 10.24
CA PHE A 82 -5.02 3.57 9.08
C PHE A 82 -5.57 2.87 7.84
N HIS A 83 -5.60 1.53 7.84
CA HIS A 83 -6.37 0.83 6.81
C HIS A 83 -7.82 1.27 6.84
N LEU A 84 -8.42 1.29 8.03
CA LEU A 84 -9.82 1.70 8.18
C LEU A 84 -10.02 3.15 7.78
N ALA A 85 -9.02 4.00 8.00
CA ALA A 85 -9.13 5.40 7.59
C ALA A 85 -9.26 5.52 6.07
N LEU A 86 -8.57 4.65 5.33
CA LEU A 86 -8.65 4.71 3.87
C LEU A 86 -10.00 4.22 3.36
N TYR A 87 -10.54 3.16 3.97
CA TYR A 87 -11.84 2.65 3.56
C TYR A 87 -12.95 3.65 3.87
N ARG A 88 -12.83 4.37 4.98
CA ARG A 88 -13.88 5.30 5.39
C ARG A 88 -13.88 6.60 4.59
N ASN A 89 -12.85 6.85 3.79
CA ASN A 89 -12.77 8.09 3.03
C ASN A 89 -12.59 7.86 1.54
N ASN A 90 -12.71 6.62 1.08
CA ASN A 90 -12.66 6.30 -0.35
C ASN A 90 -13.51 5.06 -0.57
N PRO A 91 -14.72 5.22 -1.12
CA PRO A 91 -15.58 4.05 -1.32
C PRO A 91 -15.07 3.08 -2.38
N ARG A 92 -14.17 3.53 -3.24
CA ARG A 92 -13.60 2.67 -4.28
C ARG A 92 -12.38 1.89 -3.80
N CYS A 93 -11.90 2.15 -2.59
CA CYS A 93 -10.80 1.39 -2.02
C CYS A 93 -11.34 0.08 -1.45
N LYS A 94 -10.89 -1.04 -2.01
CA LYS A 94 -11.34 -2.35 -1.59
C LYS A 94 -10.23 -3.23 -1.02
N ALA A 95 -8.99 -2.74 -1.01
CA ALA A 95 -7.87 -3.50 -0.47
C ALA A 95 -6.70 -2.56 -0.26
N VAL A 96 -5.93 -2.82 0.80
CA VAL A 96 -4.78 -2.00 1.17
C VAL A 96 -3.58 -2.90 1.33
N VAL A 97 -2.48 -2.56 0.65
CA VAL A 97 -1.22 -3.29 0.74
C VAL A 97 -0.19 -2.34 1.33
N HIS A 98 0.40 -2.74 2.46
CA HIS A 98 1.39 -1.93 3.16
C HIS A 98 2.63 -2.78 3.41
N LEU A 99 3.72 -2.46 2.73
CA LEU A 99 4.98 -3.15 2.88
C LEU A 99 6.10 -2.13 3.06
N HIS A 100 7.22 -2.58 3.61
CA HIS A 100 8.43 -1.77 3.72
C HIS A 100 9.45 -2.18 2.68
N SER A 101 9.01 -2.23 1.42
CA SER A 101 9.87 -2.65 0.33
C SER A 101 11.07 -1.72 0.20
N THR A 102 12.18 -2.32 -0.24
CA THR A 102 13.50 -1.69 -0.12
C THR A 102 13.52 -0.31 -0.79
N TRP A 103 13.20 -0.25 -2.08
CA TRP A 103 13.43 0.96 -2.84
C TRP A 103 12.38 2.05 -2.56
N SER A 104 11.14 1.65 -2.28
CA SER A 104 10.15 2.65 -1.87
C SER A 104 10.49 3.22 -0.50
N THR A 105 10.89 2.36 0.44
CA THR A 105 11.32 2.83 1.75
C THR A 105 12.57 3.70 1.63
N ALA A 106 13.47 3.34 0.71
CA ALA A 106 14.65 4.16 0.48
C ALA A 106 14.27 5.55 -0.02
N LEU A 107 13.40 5.61 -1.02
CA LEU A 107 12.95 6.90 -1.55
C LEU A 107 12.34 7.76 -0.45
N SER A 108 11.56 7.14 0.45
CA SER A 108 10.87 7.88 1.50
C SER A 108 11.81 8.49 2.54
N CYS A 109 13.10 8.17 2.49
CA CYS A 109 14.07 8.70 3.44
C CYS A 109 14.87 9.86 2.88
N LEU A 110 14.45 10.40 1.73
CA LEU A 110 15.21 11.45 1.07
C LEU A 110 14.71 12.83 1.47
N GLN A 111 15.65 13.76 1.66
CA GLN A 111 15.30 15.15 1.88
C GLN A 111 14.83 15.78 0.58
N GLY A 112 14.05 16.85 0.71
CA GLY A 112 13.61 17.59 -0.45
C GLY A 112 12.68 16.84 -1.36
N LEU A 113 11.93 15.88 -0.82
CA LEU A 113 10.92 15.20 -1.62
C LEU A 113 9.72 16.12 -1.86
N ASP A 114 8.95 15.78 -2.89
CA ASP A 114 7.70 16.47 -3.19
C ASP A 114 6.56 15.74 -2.48
N SER A 115 5.91 16.44 -1.55
CA SER A 115 4.84 15.83 -0.76
C SER A 115 3.54 15.70 -1.55
N SER A 116 3.48 16.26 -2.76
CA SER A 116 2.32 16.12 -3.62
C SER A 116 2.45 14.94 -4.58
N ASN A 117 3.68 14.62 -4.98
CA ASN A 117 3.94 13.49 -5.87
C ASN A 117 5.43 13.19 -5.78
N VAL A 118 5.79 12.05 -5.15
CA VAL A 118 7.18 11.82 -4.78
C VAL A 118 8.05 11.37 -5.94
N ILE A 119 7.46 10.94 -7.06
CA ILE A 119 8.23 10.49 -8.21
C ILE A 119 7.85 11.33 -9.43
N ARG A 120 8.86 11.73 -10.20
CA ARG A 120 8.62 12.38 -11.48
C ARG A 120 8.60 11.33 -12.57
N PRO A 121 7.51 11.21 -13.34
CA PRO A 121 7.35 10.03 -14.21
C PRO A 121 8.32 10.02 -15.39
N PHE A 122 9.02 8.89 -15.54
CA PHE A 122 9.75 8.57 -16.75
C PHE A 122 9.26 7.29 -17.42
N THR A 123 8.34 6.57 -16.79
CA THR A 123 7.57 5.47 -17.33
C THR A 123 6.08 5.77 -17.16
N PRO A 124 5.23 5.30 -18.07
CA PRO A 124 3.82 5.71 -18.05
C PRO A 124 2.95 4.98 -17.05
N TYR A 125 3.45 3.92 -16.41
CA TYR A 125 2.55 2.98 -15.76
C TYR A 125 2.04 3.46 -14.42
N VAL A 126 2.89 4.10 -13.61
CA VAL A 126 2.43 4.55 -12.30
C VAL A 126 1.45 5.71 -12.45
N VAL A 127 1.62 6.56 -13.46
CA VAL A 127 0.66 7.63 -13.70
C VAL A 127 -0.67 7.05 -14.16
N MET A 128 -0.65 5.99 -14.96
CA MET A 128 -1.89 5.39 -15.45
C MET A 128 -2.67 4.73 -14.32
N ARG A 129 -1.99 3.96 -13.48
CA ARG A 129 -2.64 3.16 -12.47
C ARG A 129 -2.95 3.94 -11.19
N MET A 130 -2.00 4.74 -10.71
CA MET A 130 -2.12 5.43 -9.43
C MET A 130 -2.21 6.95 -9.56
N GLY A 131 -1.40 7.56 -10.39
CA GLY A 131 -1.39 9.01 -10.55
C GLY A 131 -0.38 9.68 -9.60
N ASN A 132 -0.88 10.44 -8.64
CA ASN A 132 -0.03 11.13 -7.69
C ASN A 132 0.24 10.26 -6.48
N VAL A 133 1.49 10.24 -6.04
CA VAL A 133 1.88 9.54 -4.83
C VAL A 133 2.29 10.57 -3.79
N PRO A 134 1.38 11.07 -2.97
CA PRO A 134 1.73 12.08 -1.98
C PRO A 134 2.52 11.48 -0.82
N LEU A 135 3.22 12.38 -0.12
CA LEU A 135 4.09 11.99 0.99
C LEU A 135 3.38 12.23 2.31
N VAL A 136 3.36 11.21 3.16
CA VAL A 136 2.81 11.31 4.50
C VAL A 136 3.97 11.61 5.45
N PRO A 137 3.81 12.55 6.39
CA PRO A 137 4.93 12.92 7.27
C PRO A 137 5.37 11.73 8.14
N TYR A 138 6.59 11.84 8.66
CA TYR A 138 7.09 10.80 9.57
C TYR A 138 6.50 11.00 10.96
N TYR A 139 5.96 9.92 11.52
CA TYR A 139 5.51 9.86 12.90
C TYR A 139 6.00 8.56 13.51
N ARG A 140 5.89 8.47 14.83
CA ARG A 140 6.17 7.21 15.49
C ARG A 140 5.19 6.15 15.01
N PRO A 141 5.65 4.93 14.71
CA PRO A 141 4.73 3.88 14.24
C PRO A 141 3.59 3.67 15.23
N GLY A 142 2.37 3.71 14.71
CA GLY A 142 1.18 3.65 15.53
C GLY A 142 0.60 4.99 15.92
N ASP A 143 1.18 6.09 15.45
CA ASP A 143 0.69 7.42 15.82
C ASP A 143 -0.70 7.67 15.23
N LYS A 144 -1.52 8.41 15.98
CA LYS A 144 -2.83 8.78 15.50
C LYS A 144 -2.76 9.59 14.21
N ARG A 145 -1.73 10.43 14.07
CA ARG A 145 -1.67 11.36 12.95
C ARG A 145 -1.35 10.68 11.63
N ILE A 146 -0.84 9.45 11.65
CA ILE A 146 -0.63 8.72 10.40
C ILE A 146 -1.97 8.38 9.76
N ALA A 147 -2.90 7.87 10.56
CA ALA A 147 -4.23 7.55 10.05
C ALA A 147 -5.01 8.81 9.70
N GLN A 148 -4.85 9.87 10.49
CA GLN A 148 -5.57 11.11 10.23
C GLN A 148 -5.12 11.75 8.92
N ASP A 149 -3.81 11.71 8.64
CA ASP A 149 -3.32 12.26 7.38
C ASP A 149 -3.78 11.43 6.19
N LEU A 150 -3.72 10.11 6.32
CA LEU A 150 -4.15 9.24 5.23
C LEU A 150 -5.63 9.41 4.94
N ALA A 151 -6.43 9.74 5.95
CA ALA A 151 -7.85 9.99 5.72
C ALA A 151 -8.07 11.28 4.92
N GLU A 152 -7.15 12.24 5.04
CA GLU A 152 -7.31 13.48 4.29
C GLU A 152 -7.01 13.27 2.81
N LEU A 153 -6.05 12.40 2.49
CA LEU A 153 -5.63 12.18 1.12
C LEU A 153 -6.30 10.96 0.47
N ALA A 154 -7.18 10.27 1.20
CA ALA A 154 -7.72 9.01 0.69
C ALA A 154 -8.69 9.22 -0.47
N ALA A 155 -9.41 10.34 -0.48
CA ALA A 155 -10.48 10.51 -1.46
C ALA A 155 -9.96 10.62 -2.88
N ASP A 156 -8.77 11.19 -3.08
CA ASP A 156 -8.27 11.47 -4.42
C ASP A 156 -6.89 10.87 -4.68
N ASN A 157 -6.49 9.87 -3.90
CA ASN A 157 -5.22 9.18 -4.13
C ASN A 157 -5.38 7.72 -3.75
N GLN A 158 -4.69 6.85 -4.49
CA GLN A 158 -4.70 5.43 -4.21
C GLN A 158 -3.32 4.89 -3.81
N ALA A 159 -2.30 5.74 -3.76
CA ALA A 159 -0.99 5.34 -3.27
C ALA A 159 -0.41 6.46 -2.42
N PHE A 160 0.39 6.07 -1.43
CA PHE A 160 0.96 7.02 -0.48
C PHE A 160 2.33 6.53 -0.06
N LEU A 161 3.23 7.48 0.18
CA LEU A 161 4.59 7.17 0.65
C LEU A 161 4.78 7.79 2.02
N LEU A 162 4.88 6.95 3.05
CA LEU A 162 5.10 7.39 4.42
C LEU A 162 6.59 7.58 4.64
N ALA A 163 6.98 8.79 5.05
CA ALA A 163 8.39 9.13 5.18
C ALA A 163 9.08 8.28 6.24
N ASN A 164 10.29 7.84 5.92
CA ASN A 164 11.09 6.99 6.81
C ASN A 164 10.29 5.75 7.25
N HIS A 165 9.48 5.23 6.33
CA HIS A 165 8.54 4.17 6.65
C HIS A 165 8.35 3.24 5.45
N GLY A 166 7.71 3.75 4.39
CA GLY A 166 7.49 2.97 3.20
C GLY A 166 6.22 3.36 2.48
N PRO A 167 5.82 2.56 1.50
CA PRO A 167 4.61 2.84 0.73
C PRO A 167 3.36 2.19 1.33
N VAL A 168 2.23 2.79 0.98
CA VAL A 168 0.91 2.27 1.33
C VAL A 168 0.03 2.45 0.10
N VAL A 169 -0.40 1.35 -0.50
CA VAL A 169 -1.08 1.36 -1.78
C VAL A 169 -2.46 0.74 -1.63
N CYS A 170 -3.45 1.33 -2.31
CA CYS A 170 -4.83 0.87 -2.30
C CYS A 170 -5.18 0.27 -3.66
N GLY A 171 -6.39 -0.28 -3.74
CA GLY A 171 -6.88 -0.84 -4.99
C GLY A 171 -8.32 -1.28 -4.84
N GLU A 172 -8.98 -1.42 -6.00
CA GLU A 172 -10.34 -1.93 -6.03
C GLU A 172 -10.40 -3.44 -5.85
N SER A 173 -9.25 -4.10 -5.72
CA SER A 173 -9.15 -5.52 -5.40
C SER A 173 -7.75 -5.76 -4.87
N LEU A 174 -7.60 -6.86 -4.14
CA LEU A 174 -6.29 -7.18 -3.58
C LEU A 174 -5.25 -7.38 -4.67
N GLN A 175 -5.64 -8.04 -5.77
CA GLN A 175 -4.73 -8.21 -6.89
C GLN A 175 -4.35 -6.86 -7.48
N GLU A 176 -5.31 -5.95 -7.59
CA GLU A 176 -5.02 -4.63 -8.15
C GLU A 176 -4.08 -3.84 -7.24
N ALA A 177 -4.35 -3.85 -5.92
CA ALA A 177 -3.49 -3.15 -4.99
C ALA A 177 -2.10 -3.77 -4.94
N ALA A 178 -2.00 -5.08 -5.10
CA ALA A 178 -0.69 -5.73 -5.15
C ALA A 178 0.07 -5.32 -6.41
N ASN A 179 -0.61 -5.35 -7.55
CA ASN A 179 0.03 -4.95 -8.81
C ASN A 179 0.45 -3.48 -8.76
N ASN A 180 -0.39 -2.63 -8.18
CA ASN A 180 -0.03 -1.22 -8.04
C ASN A 180 1.19 -1.05 -7.14
N MET A 181 1.22 -1.77 -6.01
CA MET A 181 2.39 -1.73 -5.15
C MET A 181 3.64 -2.18 -5.90
N GLU A 182 3.51 -3.19 -6.74
CA GLU A 182 4.67 -3.71 -7.46
C GLU A 182 5.19 -2.70 -8.47
N GLU A 183 4.31 -1.93 -9.12
CA GLU A 183 4.77 -0.94 -10.09
C GLU A 183 5.32 0.31 -9.41
N LEU A 184 4.84 0.63 -8.20
CA LEU A 184 5.41 1.76 -7.46
C LEU A 184 6.82 1.43 -6.99
N GLU A 185 6.99 0.27 -6.36
CA GLU A 185 8.31 -0.16 -5.92
C GLU A 185 9.26 -0.30 -7.09
N GLU A 186 8.75 -0.75 -8.25
CA GLU A 186 9.57 -0.86 -9.44
C GLU A 186 10.05 0.51 -9.90
N THR A 187 9.18 1.52 -9.83
CA THR A 187 9.55 2.85 -10.29
C THR A 187 10.57 3.49 -9.35
N ALA A 188 10.41 3.33 -8.03
CA ALA A 188 11.42 3.81 -7.11
C ALA A 188 12.74 3.09 -7.32
N LYS A 189 12.70 1.82 -7.71
CA LYS A 189 13.92 1.08 -8.01
C LYS A 189 14.62 1.66 -9.23
N LEU A 190 13.85 2.08 -10.24
CA LEU A 190 14.46 2.68 -11.42
C LEU A 190 15.07 4.04 -11.11
N ILE A 191 14.48 4.78 -10.18
CA ILE A 191 15.02 6.09 -9.81
C ILE A 191 16.44 5.96 -9.32
N PHE A 192 16.68 5.05 -8.37
CA PHE A 192 18.02 4.89 -7.83
C PHE A 192 18.97 4.25 -8.84
N ILE A 193 18.46 3.40 -9.72
CA ILE A 193 19.30 2.78 -10.74
C ILE A 193 19.75 3.80 -11.75
N LEU A 194 18.83 4.65 -12.22
CA LEU A 194 19.20 5.69 -13.17
C LEU A 194 20.14 6.71 -12.53
N GLY A 195 19.87 7.10 -11.30
CA GLY A 195 20.79 7.96 -10.57
C GLY A 195 20.95 9.32 -11.23
N ASP A 196 22.20 9.74 -11.38
CA ASP A 196 22.52 11.04 -11.96
C ASP A 196 22.58 11.02 -13.48
N ARG A 197 22.20 9.91 -14.11
CA ARG A 197 22.22 9.84 -15.57
C ARG A 197 21.15 10.76 -16.16
N PRO A 198 21.39 11.30 -17.36
CA PRO A 198 20.36 12.11 -18.03
C PRO A 198 19.16 11.27 -18.43
N ILE A 199 18.08 11.36 -17.66
CA ILE A 199 16.87 10.60 -17.90
C ILE A 199 15.99 11.35 -18.89
N ARG A 200 15.33 10.61 -19.77
CA ARG A 200 14.33 11.18 -20.68
C ARG A 200 12.97 11.07 -20.00
N TYR A 201 12.65 12.08 -19.19
CA TYR A 201 11.37 12.11 -18.50
C TYR A 201 10.24 12.28 -19.51
N LEU A 202 9.06 11.78 -19.14
CA LEU A 202 7.87 12.03 -19.94
C LEU A 202 7.52 13.51 -19.87
N THR A 203 7.29 14.12 -21.03
CA THR A 203 6.93 15.53 -21.08
C THR A 203 5.50 15.73 -20.58
N ALA A 204 5.16 17.00 -20.30
CA ALA A 204 3.84 17.32 -19.77
C ALA A 204 2.73 16.82 -20.69
N GLY A 205 2.95 16.88 -22.00
CA GLY A 205 1.94 16.40 -22.93
C GLY A 205 1.80 14.88 -22.89
N GLU A 206 2.92 14.17 -22.75
CA GLU A 206 2.85 12.71 -22.68
C GLU A 206 2.21 12.24 -21.38
N ILE A 207 2.29 13.06 -20.33
CA ILE A 207 1.62 12.72 -19.07
C ILE A 207 0.11 12.89 -19.21
N ALA A 208 -0.32 13.97 -19.87
CA ALA A 208 -1.75 14.26 -20.00
C ALA A 208 -2.47 13.21 -20.81
N GLU A 209 -1.79 12.55 -21.76
CA GLU A 209 -2.41 11.48 -22.52
C GLU A 209 -2.69 10.24 -21.68
N LEU A 210 -2.05 10.13 -20.51
CA LEU A 210 -2.23 8.97 -19.64
C LEU A 210 -3.26 9.19 -18.54
N ARG A 211 -3.57 10.45 -18.20
CA ARG A 211 -4.50 10.73 -17.13
C ARG A 211 -5.95 10.45 -17.50
N SER A 212 -6.22 10.14 -18.77
CA SER A 212 -7.59 9.92 -19.23
C SER A 212 -8.26 8.75 -18.51
#